data_3STX
#
_entry.id   3STX
#
_cell.length_a   48.237
_cell.length_b   94.387
_cell.length_c   60.077
_cell.angle_alpha   90.000
_cell.angle_beta   97.590
_cell.angle_gamma   90.000
#
_symmetry.space_group_name_H-M   'P 1 21 1'
#
loop_
_entity.id
_entity.type
_entity.pdbx_description
1 polymer 'Methylketone synthase 1'
2 non-polymer '3-oxoheptanoic acid'
3 water water
#
_entity_poly.entity_id   1
_entity_poly.type   'polypeptide(L)'
_entity_poly.pdbx_seq_one_letter_code
;GSMEKSMSPFVKKHFVLVHTAFHGAWCWYKIVALMRSSGHNVTALDLGASGINPKQALQIPNFSDYLSPLMEFMASLPAN
EKIILVGHALGGLAISKAMETFPEKISVAVFLSGLMPGPNIDATTVCTKAGSAVLGQLDNCVTYENGPTNPPTTLIAGPK
FLATNVYHLSPIEDLALATALVRPLYLYLAEDISKEVVLSSKRYGSVKRVFIVATENDALKKEFLKLMIEKNPPDEVKEI
EGSDAVTMMSKPQQLFTTLLSIANKYK
;
_entity_poly.pdbx_strand_id   A,B
#
loop_
_chem_comp.id
_chem_comp.type
_chem_comp.name
_chem_comp.formula
BKA non-polymer '3-oxoheptanoic acid' 'C7 H12 O3'
#
# COMPACT_ATOMS: atom_id res chain seq x y z
N PHE A 10 -14.40 20.21 22.92
CA PHE A 10 -14.06 19.02 22.07
C PHE A 10 -15.30 18.25 21.67
N VAL A 11 -15.37 17.90 20.39
CA VAL A 11 -16.42 17.04 19.85
C VAL A 11 -15.82 16.00 18.91
N LYS A 12 -16.19 14.73 19.13
CA LYS A 12 -15.73 13.62 18.29
C LYS A 12 -16.41 13.65 16.93
N LYS A 13 -15.58 13.66 15.89
CA LYS A 13 -16.04 13.74 14.51
C LYS A 13 -15.77 12.43 13.74
N HIS A 14 -16.44 12.26 12.60
CA HIS A 14 -16.18 11.14 11.72
C HIS A 14 -15.69 11.63 10.35
N PHE A 15 -14.38 11.57 10.14
CA PHE A 15 -13.81 11.94 8.84
C PHE A 15 -13.82 10.74 7.91
N VAL A 16 -14.11 10.99 6.65
CA VAL A 16 -14.16 9.96 5.62
C VAL A 16 -13.34 10.44 4.42
N LEU A 17 -12.33 9.65 4.06
CA LEU A 17 -11.31 10.11 3.14
C LEU A 17 -11.31 9.34 1.83
N VAL A 18 -11.52 10.06 0.73
CA VAL A 18 -11.56 9.47 -0.61
C VAL A 18 -10.40 9.92 -1.50
N HIS A 19 -9.57 8.96 -1.89
CA HIS A 19 -8.32 9.19 -2.63
C HIS A 19 -8.55 9.54 -4.11
N THR A 20 -7.47 9.74 -4.85
CA THR A 20 -7.53 10.11 -6.28
C THR A 20 -7.14 8.95 -7.22
N ALA A 21 -7.00 9.25 -8.52
CA ALA A 21 -6.57 8.25 -9.50
C ALA A 21 -5.28 7.56 -9.10
N PHE A 22 -5.26 6.23 -9.21
CA PHE A 22 -4.07 5.37 -8.93
C PHE A 22 -3.87 5.06 -7.46
N HIS A 23 -4.57 5.79 -6.60
CA HIS A 23 -4.25 5.73 -5.18
C HIS A 23 -5.20 4.83 -4.40
N GLY A 24 -5.18 4.97 -3.08
CA GLY A 24 -5.99 4.16 -2.20
C GLY A 24 -6.01 4.78 -0.81
N ALA A 25 -6.71 4.11 0.10
CA ALA A 25 -6.71 4.46 1.52
C ALA A 25 -5.32 4.74 2.05
N TRP A 26 -4.33 3.95 1.59
CA TRP A 26 -2.93 4.04 2.04
C TRP A 26 -2.32 5.43 1.98
N CYS A 27 -2.62 6.19 0.93
CA CYS A 27 -2.04 7.52 0.76
C CYS A 27 -2.39 8.48 1.91
N TRP A 28 -3.45 8.17 2.67
CA TRP A 28 -3.90 9.00 3.79
C TRP A 28 -3.26 8.65 5.14
N TYR A 29 -2.29 7.73 5.14
CA TYR A 29 -1.78 7.17 6.41
C TYR A 29 -1.33 8.20 7.45
N LYS A 30 -0.66 9.25 7.00
CA LYS A 30 -0.22 10.32 7.87
C LYS A 30 -1.39 11.01 8.56
N ILE A 31 -2.48 11.22 7.82
CA ILE A 31 -3.66 11.90 8.33
C ILE A 31 -4.46 10.99 9.25
N VAL A 32 -4.60 9.73 8.82
CA VAL A 32 -5.29 8.73 9.60
C VAL A 32 -4.68 8.66 11.00
N ALA A 33 -3.35 8.56 11.05
CA ALA A 33 -2.66 8.47 12.33
C ALA A 33 -2.93 9.72 13.16
N LEU A 34 -2.84 10.89 12.53
CA LEU A 34 -3.10 12.15 13.24
C LEU A 34 -4.52 12.24 13.77
N MET A 35 -5.49 11.82 12.96
CA MET A 35 -6.89 11.84 13.35
C MET A 35 -7.17 10.87 14.50
N ARG A 36 -6.62 9.67 14.41
CA ARG A 36 -6.85 8.61 15.40
C ARG A 36 -6.33 8.95 16.79
N SER A 37 -5.06 9.38 16.88
CA SER A 37 -4.47 9.66 18.19
C SER A 37 -5.00 10.98 18.78
N SER A 38 -5.78 11.71 17.98
CA SER A 38 -6.50 12.88 18.46
C SER A 38 -7.90 12.54 18.99
N GLY A 39 -8.26 11.26 18.92
CA GLY A 39 -9.52 10.74 19.46
C GLY A 39 -10.71 10.89 18.52
N HIS A 40 -10.45 11.11 17.24
CA HIS A 40 -11.52 11.24 16.24
C HIS A 40 -11.70 9.92 15.52
N ASN A 41 -12.90 9.70 14.99
CA ASN A 41 -13.12 8.55 14.15
C ASN A 41 -12.73 8.89 12.71
N VAL A 42 -12.15 7.93 12.00
CA VAL A 42 -11.72 8.14 10.63
C VAL A 42 -11.77 6.86 9.79
N THR A 43 -12.37 6.98 8.61
CA THR A 43 -12.44 5.90 7.66
C THR A 43 -11.73 6.34 6.38
N ALA A 44 -10.85 5.49 5.88
CA ALA A 44 -10.16 5.75 4.62
C ALA A 44 -10.43 4.59 3.68
N LEU A 45 -11.15 4.87 2.59
CA LEU A 45 -11.71 3.83 1.73
C LEU A 45 -10.91 3.64 0.45
N ASP A 46 -10.71 2.39 0.05
CA ASP A 46 -10.19 2.07 -1.29
C ASP A 46 -11.37 2.02 -2.23
N LEU A 47 -11.33 2.83 -3.29
CA LEU A 47 -12.31 2.69 -4.38
C LEU A 47 -12.05 1.44 -5.22
N GLY A 48 -12.88 1.22 -6.25
CA GLY A 48 -12.75 0.04 -7.10
C GLY A 48 -11.32 -0.09 -7.62
N ALA A 49 -10.76 -1.29 -7.53
CA ALA A 49 -9.42 -1.58 -8.06
C ALA A 49 -8.37 -0.55 -7.63
N SER A 50 -8.40 -0.20 -6.33
CA SER A 50 -7.48 0.77 -5.76
C SER A 50 -7.01 0.23 -4.42
N GLY A 51 -5.73 0.42 -4.12
CA GLY A 51 -5.17 -0.17 -2.89
C GLY A 51 -5.38 -1.67 -2.85
N ILE A 52 -6.01 -2.16 -1.77
CA ILE A 52 -6.23 -3.61 -1.58
C ILE A 52 -7.68 -4.06 -1.88
N ASN A 53 -8.39 -3.24 -2.65
CA ASN A 53 -9.67 -3.64 -3.22
C ASN A 53 -9.43 -4.79 -4.19
N PRO A 54 -10.18 -5.89 -4.03
CA PRO A 54 -9.94 -7.14 -4.77
C PRO A 54 -10.22 -7.09 -6.29
N LYS A 55 -10.97 -6.08 -6.73
CA LYS A 55 -11.28 -5.94 -8.16
C LYS A 55 -10.04 -5.51 -8.94
N GLN A 56 -9.82 -6.12 -10.10
CA GLN A 56 -8.85 -5.61 -11.06
C GLN A 56 -9.54 -4.58 -11.95
N ALA A 57 -8.76 -3.71 -12.60
CA ALA A 57 -9.30 -2.57 -13.36
C ALA A 57 -10.24 -2.97 -14.51
N LEU A 58 -9.81 -3.98 -15.28
CA LEU A 58 -10.63 -4.54 -16.34
C LEU A 58 -12.00 -5.10 -15.89
N GLN A 59 -12.16 -5.33 -14.59
CA GLN A 59 -13.42 -5.86 -14.05
C GLN A 59 -14.40 -4.76 -13.62
N ILE A 60 -13.95 -3.52 -13.68
CA ILE A 60 -14.82 -2.40 -13.34
C ILE A 60 -14.87 -1.34 -14.45
N PRO A 61 -15.38 -1.71 -15.66
CA PRO A 61 -15.52 -0.76 -16.75
C PRO A 61 -16.56 0.35 -16.52
N ASN A 62 -17.42 0.18 -15.50
CA ASN A 62 -18.47 1.16 -15.22
C ASN A 62 -18.19 2.02 -13.99
N PHE A 63 -18.32 3.33 -14.16
CA PHE A 63 -18.02 4.26 -13.09
C PHE A 63 -18.69 3.91 -11.76
N SER A 64 -19.92 3.40 -11.80
CA SER A 64 -20.62 3.02 -10.57
C SER A 64 -19.89 1.88 -9.84
N ASP A 65 -19.20 1.02 -10.60
CA ASP A 65 -18.36 -0.03 -10.03
C ASP A 65 -17.19 0.58 -9.25
N TYR A 66 -16.62 1.65 -9.79
CA TYR A 66 -15.49 2.36 -9.17
C TYR A 66 -15.91 3.04 -7.86
N LEU A 67 -17.06 3.70 -7.92
CA LEU A 67 -17.61 4.46 -6.79
C LEU A 67 -18.24 3.57 -5.73
N SER A 68 -18.27 2.27 -6.00
CA SER A 68 -19.10 1.34 -5.23
C SER A 68 -18.69 1.19 -3.76
N PRO A 69 -17.38 1.06 -3.48
CA PRO A 69 -16.96 0.98 -2.07
C PRO A 69 -17.43 2.16 -1.22
N LEU A 70 -17.41 3.35 -1.80
CA LEU A 70 -17.90 4.55 -1.12
C LEU A 70 -19.42 4.55 -0.93
N MET A 71 -20.16 4.24 -1.99
CA MET A 71 -21.64 4.23 -1.94
C MET A 71 -22.17 3.26 -0.89
N GLU A 72 -21.64 2.03 -0.90
CA GLU A 72 -22.05 1.00 0.05
C GLU A 72 -21.71 1.38 1.49
N PHE A 73 -20.56 2.01 1.70
CA PHE A 73 -20.18 2.51 3.01
C PHE A 73 -21.16 3.60 3.48
N MET A 74 -21.44 4.56 2.59
CA MET A 74 -22.43 5.59 2.86
C MET A 74 -23.78 4.98 3.24
N ALA A 75 -24.27 4.04 2.41
CA ALA A 75 -25.50 3.30 2.70
C ALA A 75 -25.44 2.53 4.02
N SER A 76 -24.24 2.20 4.47
CA SER A 76 -24.08 1.41 5.71
C SER A 76 -24.01 2.25 6.99
N LEU A 77 -23.95 3.58 6.85
CA LEU A 77 -23.76 4.45 8.02
C LEU A 77 -24.99 4.53 8.94
N PRO A 78 -24.77 4.33 10.26
CA PRO A 78 -25.84 4.39 11.29
C PRO A 78 -26.66 5.69 11.28
N ALA A 79 -27.82 5.62 11.93
CA ALA A 79 -28.90 6.61 11.77
C ALA A 79 -28.55 8.07 12.07
N ASN A 80 -28.36 8.40 13.34
CA ASN A 80 -28.14 9.78 13.76
C ASN A 80 -26.68 10.25 13.59
N GLU A 81 -26.01 9.75 12.56
CA GLU A 81 -24.59 10.02 12.36
C GLU A 81 -24.33 10.90 11.14
N LYS A 82 -23.54 11.96 11.36
CA LYS A 82 -23.03 12.80 10.29
C LYS A 82 -21.51 12.62 10.12
N ILE A 83 -21.01 12.85 8.91
CA ILE A 83 -19.58 12.72 8.64
C ILE A 83 -18.98 13.99 8.02
N ILE A 84 -17.64 14.02 7.92
CA ILE A 84 -16.93 15.01 7.13
C ILE A 84 -16.32 14.30 5.93
N LEU A 85 -16.94 14.47 4.77
CA LEU A 85 -16.54 13.75 3.57
C LEU A 85 -15.50 14.54 2.81
N VAL A 86 -14.30 13.95 2.67
CA VAL A 86 -13.19 14.63 2.01
C VAL A 86 -12.76 13.88 0.73
N GLY A 87 -12.74 14.58 -0.39
CA GLY A 87 -12.37 13.98 -1.67
C GLY A 87 -11.21 14.68 -2.33
N HIS A 88 -10.17 13.92 -2.68
CA HIS A 88 -8.95 14.48 -3.24
C HIS A 88 -8.89 14.30 -4.75
N ALA A 89 -8.67 15.41 -5.46
CA ALA A 89 -8.53 15.45 -6.92
C ALA A 89 -9.66 14.70 -7.63
N LEU A 90 -9.35 13.59 -8.30
CA LEU A 90 -10.40 12.76 -8.93
C LEU A 90 -11.41 12.27 -7.89
N GLY A 91 -10.95 12.05 -6.66
CA GLY A 91 -11.83 11.75 -5.52
C GLY A 91 -13.04 12.66 -5.38
N GLY A 92 -12.99 13.82 -6.03
CA GLY A 92 -14.07 14.79 -6.00
C GLY A 92 -15.35 14.32 -6.66
N LEU A 93 -15.22 13.60 -7.77
CA LEU A 93 -16.38 13.06 -8.47
C LEU A 93 -17.14 12.08 -7.58
N ALA A 94 -16.38 11.20 -6.94
CA ALA A 94 -16.90 10.24 -5.97
C ALA A 94 -17.74 10.93 -4.91
N ILE A 95 -17.14 11.87 -4.18
CA ILE A 95 -17.85 12.51 -3.07
C ILE A 95 -19.03 13.35 -3.52
N SER A 96 -18.98 13.85 -4.76
CA SER A 96 -20.12 14.58 -5.36
C SER A 96 -21.36 13.69 -5.44
N LYS A 97 -21.21 12.52 -6.07
CA LYS A 97 -22.27 11.53 -6.19
C LYS A 97 -22.80 11.10 -4.81
N ALA A 98 -21.89 10.91 -3.86
CA ALA A 98 -22.28 10.61 -2.49
C ALA A 98 -23.15 11.72 -1.85
N MET A 99 -22.85 12.98 -2.19
CA MET A 99 -23.63 14.14 -1.66
C MET A 99 -25.05 14.17 -2.21
N GLU A 100 -25.18 13.84 -3.50
CA GLU A 100 -26.47 13.81 -4.19
C GLU A 100 -27.35 12.70 -3.62
N THR A 101 -26.72 11.56 -3.30
CA THR A 101 -27.44 10.38 -2.84
C THR A 101 -27.70 10.39 -1.34
N PHE A 102 -26.74 10.87 -0.55
CA PHE A 102 -26.90 10.87 0.91
C PHE A 102 -26.64 12.25 1.53
N PRO A 103 -27.40 13.28 1.11
CA PRO A 103 -27.13 14.62 1.66
C PRO A 103 -27.33 14.72 3.18
N GLU A 104 -28.20 13.88 3.74
CA GLU A 104 -28.57 13.92 5.17
C GLU A 104 -27.56 13.21 6.09
N LYS A 105 -26.44 12.76 5.52
CA LYS A 105 -25.41 12.03 6.26
C LYS A 105 -24.09 12.79 6.30
N ILE A 106 -24.02 13.87 5.51
CA ILE A 106 -22.78 14.64 5.33
C ILE A 106 -22.87 16.04 5.94
N SER A 107 -22.15 16.24 7.04
CA SER A 107 -22.11 17.52 7.74
C SER A 107 -21.46 18.59 6.87
N VAL A 108 -20.38 18.20 6.20
CA VAL A 108 -19.67 19.07 5.27
C VAL A 108 -18.79 18.23 4.34
N ALA A 109 -18.68 18.69 3.09
CA ALA A 109 -17.83 18.01 2.12
C ALA A 109 -16.66 18.92 1.77
N VAL A 110 -15.48 18.33 1.81
CA VAL A 110 -14.25 19.05 1.55
C VAL A 110 -13.62 18.56 0.25
N PHE A 111 -13.37 19.49 -0.67
CA PHE A 111 -12.78 19.20 -1.98
C PHE A 111 -11.31 19.62 -1.99
N LEU A 112 -10.44 18.71 -1.60
CA LEU A 112 -9.01 18.97 -1.57
C LEU A 112 -8.47 18.94 -2.99
N SER A 113 -8.28 20.14 -3.56
CA SER A 113 -7.93 20.34 -4.98
C SER A 113 -8.70 19.36 -5.86
N GLY A 114 -9.99 19.20 -5.54
CA GLY A 114 -10.78 18.11 -6.11
C GLY A 114 -11.61 18.51 -7.30
N LEU A 115 -11.90 17.54 -8.16
CA LEU A 115 -12.80 17.75 -9.29
C LEU A 115 -14.21 18.00 -8.74
N MET A 116 -14.74 19.19 -9.00
CA MET A 116 -15.94 19.66 -8.32
C MET A 116 -17.03 20.10 -9.29
N PRO A 117 -17.63 19.16 -10.02
CA PRO A 117 -18.60 19.56 -11.04
C PRO A 117 -19.93 20.04 -10.47
N GLY A 118 -20.65 20.82 -11.26
CA GLY A 118 -21.97 21.33 -10.90
C GLY A 118 -22.76 21.56 -12.18
N PRO A 119 -23.98 22.11 -12.05
CA PRO A 119 -24.82 22.40 -13.23
C PRO A 119 -24.09 23.21 -14.31
N ASN A 120 -23.40 24.27 -13.91
CA ASN A 120 -22.74 25.18 -14.85
C ASN A 120 -21.38 24.71 -15.37
N ILE A 121 -20.88 23.62 -14.81
CA ILE A 121 -19.64 22.97 -15.27
C ILE A 121 -19.71 21.46 -14.94
N ASP A 122 -20.12 20.69 -15.95
CA ASP A 122 -20.44 19.27 -15.78
CA ASP A 122 -20.45 19.27 -15.80
C ASP A 122 -19.21 18.37 -15.66
N ALA A 123 -19.44 17.16 -15.17
CA ALA A 123 -18.39 16.14 -14.99
C ALA A 123 -17.58 15.86 -16.26
N THR A 124 -18.23 15.89 -17.41
CA THR A 124 -17.57 15.68 -18.69
C THR A 124 -16.50 16.73 -18.94
N THR A 125 -16.79 17.96 -18.55
CA THR A 125 -15.86 19.08 -18.70
C THR A 125 -14.61 18.90 -17.83
N VAL A 126 -14.82 18.76 -16.52
CA VAL A 126 -13.71 18.68 -15.57
C VAL A 126 -12.81 17.45 -15.78
N CYS A 127 -13.37 16.39 -16.36
CA CYS A 127 -12.63 15.14 -16.61
C CYS A 127 -11.72 15.15 -17.83
N THR A 128 -12.21 15.72 -18.95
CA THR A 128 -11.40 15.86 -20.16
C THR A 128 -10.19 16.75 -19.87
N LYS A 129 -10.42 17.78 -19.07
CA LYS A 129 -9.36 18.72 -18.68
C LYS A 129 -8.38 18.09 -17.69
N ALA A 130 -8.91 17.42 -16.66
CA ALA A 130 -8.07 16.76 -15.65
C ALA A 130 -7.15 15.73 -16.30
N GLY A 131 -7.71 14.94 -17.22
CA GLY A 131 -6.97 13.90 -17.91
C GLY A 131 -5.99 14.37 -18.97
N SER A 132 -5.98 15.67 -19.27
CA SER A 132 -5.08 16.22 -20.29
C SER A 132 -3.68 16.35 -19.73
N ALA A 133 -3.60 16.84 -18.49
CA ALA A 133 -2.34 16.99 -17.76
C ALA A 133 -1.74 15.63 -17.40
N VAL A 134 -2.57 14.60 -17.41
CA VAL A 134 -2.17 13.26 -16.98
C VAL A 134 -1.79 12.34 -18.15
N LEU A 135 -2.64 12.28 -19.17
CA LEU A 135 -2.38 11.45 -20.35
C LEU A 135 -1.18 11.97 -21.14
N GLY A 136 -0.33 11.05 -21.55
CA GLY A 136 0.83 11.37 -22.39
C GLY A 136 2.01 11.95 -21.64
N GLN A 137 1.80 12.40 -20.40
CA GLN A 137 2.87 12.98 -19.60
C GLN A 137 3.94 11.95 -19.21
N LEU A 138 5.19 12.30 -19.51
CA LEU A 138 6.39 11.51 -19.17
C LEU A 138 6.26 10.01 -19.48
N ASP A 139 6.50 9.16 -18.48
CA ASP A 139 6.49 7.70 -18.68
C ASP A 139 5.16 6.99 -18.38
N ASN A 140 4.07 7.75 -18.29
CA ASN A 140 2.71 7.19 -18.20
C ASN A 140 2.38 6.38 -19.44
N CYS A 141 1.52 5.38 -19.29
CA CYS A 141 1.13 4.59 -20.45
C CYS A 141 -0.29 4.04 -20.35
N VAL A 142 -0.84 3.72 -21.53
CA VAL A 142 -2.21 3.26 -21.66
C VAL A 142 -2.23 1.84 -22.22
N THR A 143 -3.32 1.12 -21.99
CA THR A 143 -3.52 -0.21 -22.58
C THR A 143 -4.67 -0.20 -23.59
N TYR A 144 -4.69 -1.22 -24.45
CA TYR A 144 -5.68 -1.35 -25.51
C TYR A 144 -6.32 -2.74 -25.55
N GLU A 145 -7.03 -3.10 -24.48
CA GLU A 145 -7.77 -4.37 -24.43
C GLU A 145 -9.17 -4.24 -25.04
N ASN A 146 -9.59 -3.01 -25.31
CA ASN A 146 -10.84 -2.73 -26.01
C ASN A 146 -10.63 -2.70 -27.53
N GLY A 147 -9.41 -3.00 -27.98
CA GLY A 147 -9.06 -2.99 -29.40
C GLY A 147 -8.05 -1.90 -29.73
N PRO A 148 -7.00 -2.23 -30.51
CA PRO A 148 -5.92 -1.28 -30.86
C PRO A 148 -6.39 -0.08 -31.68
N THR A 149 -7.59 -0.16 -32.24
CA THR A 149 -8.16 0.97 -32.96
C THR A 149 -9.18 1.76 -32.11
N ASN A 150 -9.39 1.31 -30.87
CA ASN A 150 -10.35 1.93 -29.93
C ASN A 150 -9.70 2.87 -28.90
N PRO A 151 -10.49 3.76 -28.26
CA PRO A 151 -9.96 4.64 -27.21
C PRO A 151 -9.39 3.84 -26.04
N PRO A 152 -8.16 4.18 -25.59
CA PRO A 152 -7.41 3.48 -24.53
C PRO A 152 -8.29 2.98 -23.38
N THR A 153 -7.95 1.81 -22.86
CA THR A 153 -8.71 1.16 -21.79
C THR A 153 -8.27 1.57 -20.37
N THR A 154 -6.99 1.37 -20.04
CA THR A 154 -6.47 1.71 -18.70
C THR A 154 -5.26 2.64 -18.76
N LEU A 155 -5.09 3.44 -17.70
CA LEU A 155 -3.99 4.38 -17.60
C LEU A 155 -3.12 4.07 -16.38
N ILE A 156 -1.82 4.03 -16.59
CA ILE A 156 -0.90 3.56 -15.58
C ILE A 156 0.11 4.67 -15.25
N ALA A 157 0.19 5.03 -13.97
CA ALA A 157 1.12 6.05 -13.52
C ALA A 157 2.55 5.52 -13.52
N GLY A 158 3.44 6.27 -14.18
CA GLY A 158 4.87 5.91 -14.24
C GLY A 158 5.67 6.48 -13.08
N PRO A 159 6.79 5.84 -12.74
CA PRO A 159 7.61 6.32 -11.62
C PRO A 159 8.13 7.75 -11.81
N LYS A 160 8.58 8.09 -13.02
CA LYS A 160 9.05 9.44 -13.34
C LYS A 160 7.96 10.49 -13.30
N PHE A 161 6.77 10.15 -13.79
CA PHE A 161 5.62 11.05 -13.70
C PHE A 161 5.33 11.38 -12.23
N LEU A 162 5.25 10.34 -11.41
CA LEU A 162 5.03 10.49 -9.97
C LEU A 162 6.09 11.36 -9.31
N ALA A 163 7.36 11.03 -9.53
CA ALA A 163 8.47 11.78 -8.97
C ALA A 163 8.47 13.27 -9.34
N THR A 164 8.27 13.57 -10.62
CA THR A 164 8.44 14.96 -11.10
C THR A 164 7.14 15.78 -11.10
N ASN A 165 6.00 15.14 -11.34
CA ASN A 165 4.70 15.84 -11.40
C ASN A 165 3.80 15.75 -10.17
N VAL A 166 3.96 14.73 -9.35
CA VAL A 166 2.98 14.45 -8.29
C VAL A 166 3.57 14.53 -6.87
N TYR A 167 4.70 13.84 -6.66
CA TYR A 167 5.40 13.79 -5.36
C TYR A 167 6.63 14.72 -5.30
N HIS A 168 6.73 15.64 -6.27
CA HIS A 168 7.89 16.53 -6.40
C HIS A 168 8.22 17.39 -5.17
N LEU A 169 7.32 17.43 -4.20
CA LEU A 169 7.54 18.18 -2.96
C LEU A 169 7.31 17.32 -1.71
N SER A 170 7.26 16.00 -1.88
CA SER A 170 7.03 15.08 -0.77
C SER A 170 8.35 14.36 -0.39
N PRO A 171 8.39 13.71 0.79
CA PRO A 171 9.61 12.97 1.14
C PRO A 171 9.86 11.80 0.18
N ILE A 172 11.12 11.47 -0.04
CA ILE A 172 11.50 10.43 -1.02
C ILE A 172 10.96 9.04 -0.68
N GLU A 173 10.70 8.80 0.61
CA GLU A 173 10.17 7.51 1.04
C GLU A 173 8.72 7.34 0.56
N ASP A 174 7.95 8.42 0.59
CA ASP A 174 6.56 8.44 0.10
C ASP A 174 6.45 8.23 -1.42
N LEU A 175 7.42 8.74 -2.16
CA LEU A 175 7.54 8.43 -3.58
C LEU A 175 7.69 6.91 -3.71
N ALA A 176 8.69 6.36 -3.02
CA ALA A 176 8.91 4.92 -2.96
C ALA A 176 7.63 4.17 -2.55
N LEU A 177 6.97 4.63 -1.49
CA LEU A 177 5.68 4.06 -1.06
C LEU A 177 4.65 4.01 -2.20
N ALA A 178 4.43 5.15 -2.83
CA ALA A 178 3.52 5.24 -3.97
C ALA A 178 3.91 4.29 -5.10
N THR A 179 5.19 4.28 -5.46
CA THR A 179 5.73 3.44 -6.55
C THR A 179 5.38 1.96 -6.38
N ALA A 180 5.38 1.49 -5.14
CA ALA A 180 4.98 0.11 -4.83
C ALA A 180 3.46 -0.09 -4.64
N LEU A 181 2.65 0.94 -4.89
CA LEU A 181 1.23 0.83 -4.54
C LEU A 181 0.23 1.33 -5.57
N VAL A 182 0.65 2.23 -6.45
CA VAL A 182 -0.22 2.77 -7.48
C VAL A 182 -0.71 1.67 -8.41
N ARG A 183 -2.00 1.72 -8.73
CA ARG A 183 -2.64 0.70 -9.53
C ARG A 183 -3.31 1.41 -10.69
N PRO A 184 -3.45 0.70 -11.83
CA PRO A 184 -4.01 1.30 -13.03
C PRO A 184 -5.42 1.83 -12.84
N LEU A 185 -5.78 2.83 -13.64
CA LEU A 185 -7.10 3.44 -13.54
C LEU A 185 -7.84 3.19 -14.86
N TYR A 186 -9.07 2.68 -14.78
CA TYR A 186 -9.90 2.48 -15.98
C TYR A 186 -10.28 3.83 -16.58
N LEU A 187 -10.17 3.92 -17.90
CA LEU A 187 -10.52 5.14 -18.60
C LEU A 187 -12.00 5.19 -18.96
N TYR A 188 -12.80 5.56 -17.97
CA TYR A 188 -14.26 5.58 -18.12
C TYR A 188 -14.68 6.56 -19.20
N LEU A 189 -15.68 6.16 -19.97
CA LEU A 189 -16.16 6.96 -21.08
C LEU A 189 -16.88 8.18 -20.56
N ALA A 190 -16.69 9.30 -21.25
CA ALA A 190 -17.32 10.57 -20.90
C ALA A 190 -18.82 10.37 -20.66
N GLU A 191 -19.47 9.69 -21.60
CA GLU A 191 -20.92 9.44 -21.55
C GLU A 191 -21.33 8.73 -20.26
N ASP A 192 -20.58 7.69 -19.87
CA ASP A 192 -20.79 6.94 -18.65
C ASP A 192 -20.69 7.83 -17.41
N ILE A 193 -19.66 8.67 -17.35
CA ILE A 193 -19.42 9.55 -16.20
C ILE A 193 -20.54 10.59 -16.02
N SER A 194 -21.00 11.18 -17.13
CA SER A 194 -22.09 12.15 -17.12
C SER A 194 -23.43 11.53 -16.71
N LYS A 195 -23.69 10.32 -17.20
CA LYS A 195 -24.88 9.54 -16.82
C LYS A 195 -24.87 9.18 -15.33
N GLU A 196 -23.67 9.01 -14.77
CA GLU A 196 -23.49 8.60 -13.39
C GLU A 196 -23.53 9.75 -12.38
N VAL A 197 -22.82 10.85 -12.67
CA VAL A 197 -22.74 11.97 -11.73
C VAL A 197 -23.74 13.09 -12.06
N VAL A 198 -24.98 12.89 -11.59
CA VAL A 198 -26.07 13.81 -11.84
C VAL A 198 -26.33 14.61 -10.57
N LEU A 199 -26.39 15.92 -10.69
CA LEU A 199 -26.50 16.77 -9.51
C LEU A 199 -27.65 17.78 -9.55
N SER A 200 -28.42 17.79 -8.47
CA SER A 200 -29.54 18.72 -8.29
C SER A 200 -29.20 19.71 -7.18
N SER A 201 -29.98 20.78 -7.05
CA SER A 201 -29.72 21.80 -6.03
C SER A 201 -30.53 21.57 -4.76
N LYS A 202 -31.52 20.69 -4.86
CA LYS A 202 -32.32 20.30 -3.71
C LYS A 202 -31.45 19.41 -2.80
N ARG A 203 -30.59 18.60 -3.42
CA ARG A 203 -29.84 17.58 -2.69
C ARG A 203 -28.35 17.90 -2.55
N TYR A 204 -27.56 17.62 -3.59
CA TYR A 204 -26.13 17.97 -3.60
C TYR A 204 -25.92 19.43 -3.17
N GLY A 205 -26.75 20.32 -3.71
CA GLY A 205 -26.70 21.74 -3.40
C GLY A 205 -26.96 22.09 -1.94
N SER A 206 -27.62 21.20 -1.21
CA SER A 206 -27.96 21.48 0.19
C SER A 206 -26.87 21.11 1.21
N VAL A 207 -25.77 20.51 0.72
CA VAL A 207 -24.67 20.10 1.60
C VAL A 207 -23.60 21.19 1.67
N LYS A 208 -23.24 21.59 2.88
CA LYS A 208 -22.14 22.54 3.12
C LYS A 208 -20.86 22.03 2.47
N ARG A 209 -20.12 22.93 1.81
CA ARG A 209 -19.06 22.55 0.91
C ARG A 209 -17.87 23.51 1.01
N VAL A 210 -16.69 22.96 1.30
CA VAL A 210 -15.45 23.76 1.34
C VAL A 210 -14.45 23.29 0.27
N PHE A 211 -13.85 24.24 -0.44
CA PHE A 211 -12.79 23.91 -1.39
C PHE A 211 -11.43 24.27 -0.78
N ILE A 212 -10.44 23.41 -1.01
CA ILE A 212 -9.09 23.68 -0.53
C ILE A 212 -8.15 23.76 -1.72
N VAL A 213 -7.71 24.98 -2.03
CA VAL A 213 -6.70 25.17 -3.06
C VAL A 213 -5.38 24.74 -2.49
N ALA A 214 -4.83 23.66 -3.06
CA ALA A 214 -3.53 23.15 -2.65
C ALA A 214 -2.72 22.73 -3.87
N THR A 215 -2.04 23.71 -4.46
CA THR A 215 -1.14 23.47 -5.60
C THR A 215 -0.05 24.53 -5.64
N GLU A 216 1.09 24.13 -6.20
CA GLU A 216 2.26 24.99 -6.25
C GLU A 216 3.02 24.71 -7.54
N ASN A 217 3.57 25.77 -8.15
CA ASN A 217 4.41 25.68 -9.36
C ASN A 217 3.67 25.09 -10.57
N ASP A 218 2.38 25.41 -10.66
CA ASP A 218 1.55 25.00 -11.79
C ASP A 218 0.42 26.01 -11.95
N ALA A 219 0.64 26.98 -12.83
CA ALA A 219 -0.33 28.05 -13.08
C ALA A 219 -1.59 27.55 -13.77
N LEU A 220 -1.39 26.61 -14.70
CA LEU A 220 -2.50 26.04 -15.46
C LEU A 220 -3.43 25.20 -14.59
N LYS A 221 -2.86 24.46 -13.65
CA LYS A 221 -3.66 23.69 -12.71
C LYS A 221 -4.42 24.62 -11.79
N LYS A 222 -3.75 25.63 -11.26
CA LYS A 222 -4.43 26.58 -10.40
C LYS A 222 -5.62 27.25 -11.11
N GLU A 223 -5.44 27.63 -12.36
CA GLU A 223 -6.53 28.24 -13.15
C GLU A 223 -7.75 27.32 -13.21
N PHE A 224 -7.49 26.05 -13.51
CA PHE A 224 -8.53 25.01 -13.51
C PHE A 224 -9.28 24.92 -12.18
N LEU A 225 -8.56 24.99 -11.07
CA LEU A 225 -9.22 24.99 -9.76
C LEU A 225 -10.03 26.27 -9.58
N LYS A 226 -9.48 27.39 -10.06
CA LYS A 226 -10.14 28.69 -9.97
C LYS A 226 -11.41 28.71 -10.81
N LEU A 227 -11.31 28.16 -12.02
CA LEU A 227 -12.45 28.07 -12.92
C LEU A 227 -13.58 27.25 -12.29
N MET A 228 -13.23 26.12 -11.66
CA MET A 228 -14.23 25.28 -10.98
C MET A 228 -14.94 26.01 -9.83
N ILE A 229 -14.20 26.79 -9.06
CA ILE A 229 -14.79 27.54 -7.93
C ILE A 229 -15.72 28.65 -8.42
N GLU A 230 -15.42 29.18 -9.60
CA GLU A 230 -16.18 30.27 -10.18
C GLU A 230 -17.52 29.77 -10.73
N LYS A 231 -17.49 28.67 -11.48
CA LYS A 231 -18.70 28.12 -12.11
C LYS A 231 -19.58 27.33 -11.14
N ASN A 232 -18.97 26.81 -10.08
CA ASN A 232 -19.69 26.07 -9.04
C ASN A 232 -19.31 26.55 -7.64
N PRO A 233 -19.78 27.76 -7.26
CA PRO A 233 -19.30 28.38 -6.03
C PRO A 233 -19.58 27.55 -4.78
N PRO A 234 -18.54 27.25 -3.99
CA PRO A 234 -18.75 26.53 -2.73
C PRO A 234 -19.12 27.51 -1.62
N ASP A 235 -19.39 26.99 -0.42
CA ASP A 235 -19.67 27.82 0.75
C ASP A 235 -18.43 28.61 1.21
N GLU A 236 -17.27 27.97 1.13
CA GLU A 236 -16.02 28.56 1.57
C GLU A 236 -14.86 28.10 0.69
N VAL A 237 -13.79 28.88 0.66
CA VAL A 237 -12.54 28.49 0.03
C VAL A 237 -11.41 28.66 1.04
N LYS A 238 -10.71 27.58 1.33
CA LYS A 238 -9.50 27.64 2.14
C LYS A 238 -8.28 27.31 1.28
N GLU A 239 -7.09 27.45 1.86
CA GLU A 239 -5.85 27.34 1.11
C GLU A 239 -4.73 26.75 1.96
N ILE A 240 -3.92 25.89 1.32
CA ILE A 240 -2.72 25.34 1.92
C ILE A 240 -1.57 25.56 0.96
N GLU A 241 -0.55 26.24 1.45
CA GLU A 241 0.59 26.62 0.64
C GLU A 241 1.69 25.58 0.81
N GLY A 242 2.49 25.39 -0.25
CA GLY A 242 3.63 24.48 -0.22
C GLY A 242 3.36 23.05 -0.68
N SER A 243 2.12 22.79 -1.09
CA SER A 243 1.66 21.45 -1.44
C SER A 243 2.00 21.06 -2.88
N ASP A 244 2.43 19.81 -3.08
CA ASP A 244 2.45 19.22 -4.41
C ASP A 244 1.06 18.65 -4.70
N ALA A 245 0.96 17.71 -5.64
CA ALA A 245 -0.32 17.13 -6.02
C ALA A 245 -0.85 16.07 -5.03
N VAL A 246 -0.07 15.74 -4.00
CA VAL A 246 -0.52 14.89 -2.89
C VAL A 246 -0.31 15.55 -1.52
N THR A 247 -1.23 16.44 -1.17
CA THR A 247 -1.16 17.24 0.06
C THR A 247 -1.01 16.41 1.33
N MET A 248 -1.63 15.23 1.34
CA MET A 248 -1.60 14.35 2.51
C MET A 248 -0.21 13.75 2.73
N MET A 249 0.64 13.84 1.70
CA MET A 249 2.02 13.42 1.79
C MET A 249 2.94 14.61 2.09
N SER A 250 2.72 15.72 1.38
CA SER A 250 3.64 16.84 1.40
C SER A 250 3.40 17.84 2.53
N LYS A 251 2.12 18.08 2.88
CA LYS A 251 1.76 19.05 3.91
C LYS A 251 0.71 18.50 4.90
N PRO A 252 1.05 17.40 5.59
CA PRO A 252 0.05 16.63 6.34
C PRO A 252 -0.45 17.32 7.61
N GLN A 253 0.45 17.92 8.37
CA GLN A 253 0.08 18.63 9.59
C GLN A 253 -0.88 19.78 9.27
N GLN A 254 -0.56 20.50 8.20
CA GLN A 254 -1.34 21.63 7.72
C GLN A 254 -2.74 21.15 7.30
N LEU A 255 -2.78 20.03 6.59
CA LEU A 255 -4.03 19.49 6.09
C LEU A 255 -4.91 19.02 7.24
N PHE A 256 -4.31 18.35 8.22
CA PHE A 256 -5.02 17.86 9.40
C PHE A 256 -5.62 19.01 10.21
N THR A 257 -4.83 20.07 10.39
CA THR A 257 -5.27 21.30 11.05
C THR A 257 -6.45 21.90 10.31
N THR A 258 -6.31 22.03 8.98
CA THR A 258 -7.36 22.57 8.11
C THR A 258 -8.62 21.72 8.18
N LEU A 259 -8.47 20.41 8.21
CA LEU A 259 -9.61 19.50 8.31
C LEU A 259 -10.28 19.55 9.68
N LEU A 260 -9.50 19.63 10.75
CA LEU A 260 -10.07 19.80 12.09
C LEU A 260 -10.80 21.14 12.20
N SER A 261 -10.19 22.22 11.71
CA SER A 261 -10.81 23.54 11.69
C SER A 261 -12.18 23.54 10.97
N ILE A 262 -12.21 23.03 9.74
CA ILE A 262 -13.45 22.88 8.98
C ILE A 262 -14.49 22.11 9.80
N ALA A 263 -14.08 20.94 10.30
CA ALA A 263 -14.97 20.07 11.05
C ALA A 263 -15.65 20.76 12.23
N ASN A 264 -14.86 21.48 13.03
CA ASN A 264 -15.34 22.08 14.28
C ASN A 264 -16.33 23.21 14.08
N LYS A 265 -16.05 24.08 13.10
CA LYS A 265 -16.93 25.22 12.86
C LYS A 265 -18.22 24.85 12.11
N TYR A 266 -18.16 23.79 11.30
CA TYR A 266 -19.30 23.38 10.48
C TYR A 266 -20.25 22.36 11.12
N LYS A 267 -19.91 21.91 12.33
CA LYS A 267 -20.76 21.05 13.18
C LYS A 267 -22.08 20.55 12.53
N SER B 8 37.09 -0.43 2.44
CA SER B 8 36.31 -1.28 1.50
C SER B 8 35.56 -0.40 0.50
N PRO B 9 35.93 -0.48 -0.80
CA PRO B 9 35.34 0.38 -1.83
C PRO B 9 33.85 0.10 -2.05
N PHE B 10 33.10 1.16 -2.34
CA PHE B 10 31.71 1.04 -2.76
C PHE B 10 31.65 0.37 -4.13
N VAL B 11 30.92 -0.74 -4.20
CA VAL B 11 30.55 -1.33 -5.48
C VAL B 11 29.02 -1.32 -5.54
N LYS B 12 28.47 -0.88 -6.67
CA LYS B 12 27.02 -0.95 -6.89
C LYS B 12 26.51 -2.38 -6.83
N LYS B 13 25.50 -2.61 -6.00
CA LYS B 13 24.89 -3.92 -5.84
C LYS B 13 23.39 -3.84 -6.06
N HIS B 14 22.76 -5.00 -6.16
CA HIS B 14 21.31 -5.11 -6.31
C HIS B 14 20.71 -5.83 -5.12
N PHE B 15 19.94 -5.12 -4.31
CA PHE B 15 19.24 -5.70 -3.16
C PHE B 15 17.85 -6.17 -3.57
N VAL B 16 17.49 -7.39 -3.18
CA VAL B 16 16.14 -7.90 -3.41
C VAL B 16 15.48 -8.17 -2.07
N LEU B 17 14.38 -7.46 -1.82
CA LEU B 17 13.70 -7.47 -0.52
C LEU B 17 12.38 -8.26 -0.54
N VAL B 18 12.23 -9.18 0.42
CA VAL B 18 11.12 -10.10 0.45
C VAL B 18 10.40 -10.03 1.81
N HIS B 19 9.10 -9.81 1.77
CA HIS B 19 8.33 -9.45 2.95
C HIS B 19 7.77 -10.68 3.66
N THR B 20 7.06 -10.44 4.76
CA THR B 20 6.47 -11.51 5.52
C THR B 20 4.94 -11.56 5.33
N ALA B 21 4.28 -12.42 6.10
CA ALA B 21 2.84 -12.61 6.02
C ALA B 21 2.08 -11.30 6.19
N PHE B 22 1.00 -11.16 5.41
CA PHE B 22 0.07 -10.01 5.47
C PHE B 22 0.61 -8.77 4.75
N HIS B 23 1.92 -8.74 4.53
CA HIS B 23 2.56 -7.54 4.04
C HIS B 23 2.80 -7.60 2.54
N GLY B 24 3.74 -6.81 2.05
CA GLY B 24 3.94 -6.64 0.60
C GLY B 24 5.08 -5.65 0.42
N ALA B 25 5.53 -5.49 -0.81
CA ALA B 25 6.70 -4.65 -1.13
C ALA B 25 6.66 -3.27 -0.45
N TRP B 26 5.46 -2.73 -0.27
CA TRP B 26 5.22 -1.46 0.43
C TRP B 26 5.86 -1.32 1.82
N CYS B 27 5.98 -2.43 2.57
CA CYS B 27 6.51 -2.34 3.95
C CYS B 27 7.96 -1.86 3.99
N TRP B 28 8.67 -2.07 2.89
CA TRP B 28 10.07 -1.72 2.72
C TRP B 28 10.31 -0.28 2.23
N TYR B 29 9.25 0.54 2.17
CA TYR B 29 9.36 1.90 1.59
C TYR B 29 10.53 2.77 2.05
N LYS B 30 10.81 2.77 3.36
CA LYS B 30 11.94 3.53 3.91
C LYS B 30 13.29 2.97 3.46
N ILE B 31 13.41 1.65 3.41
CA ILE B 31 14.63 1.00 2.97
C ILE B 31 14.87 1.29 1.49
N VAL B 32 13.82 1.17 0.69
CA VAL B 32 13.86 1.48 -0.73
C VAL B 32 14.41 2.89 -1.02
N ALA B 33 13.84 3.90 -0.36
CA ALA B 33 14.28 5.28 -0.50
C ALA B 33 15.76 5.44 -0.13
N LEU B 34 16.17 4.82 0.97
CA LEU B 34 17.56 4.92 1.47
C LEU B 34 18.58 4.24 0.54
N MET B 35 18.18 3.15 -0.10
CA MET B 35 19.06 2.51 -1.08
C MET B 35 19.14 3.27 -2.41
N ARG B 36 18.00 3.70 -2.93
CA ARG B 36 17.97 4.50 -4.15
C ARG B 36 18.74 5.82 -4.03
N SER B 37 18.83 6.34 -2.81
CA SER B 37 19.65 7.53 -2.52
C SER B 37 21.15 7.25 -2.49
N SER B 38 21.53 6.04 -2.10
CA SER B 38 22.94 5.71 -1.89
C SER B 38 23.66 5.23 -3.16
N GLY B 39 22.90 4.98 -4.23
CA GLY B 39 23.45 4.52 -5.51
C GLY B 39 23.49 3.00 -5.68
N HIS B 40 22.60 2.32 -4.97
CA HIS B 40 22.42 0.88 -5.15
C HIS B 40 21.17 0.60 -5.93
N ASN B 41 21.09 -0.60 -6.48
CA ASN B 41 19.84 -1.11 -7.00
C ASN B 41 19.03 -1.78 -5.91
N VAL B 42 17.72 -1.58 -5.97
CA VAL B 42 16.83 -2.25 -5.04
C VAL B 42 15.51 -2.64 -5.74
N THR B 43 15.08 -3.87 -5.48
CA THR B 43 13.77 -4.35 -5.89
C THR B 43 13.04 -4.94 -4.68
N ALA B 44 11.83 -4.44 -4.43
CA ALA B 44 10.98 -4.98 -3.39
C ALA B 44 9.76 -5.62 -4.04
N LEU B 45 9.45 -6.84 -3.63
CA LEU B 45 8.50 -7.68 -4.35
C LEU B 45 7.24 -8.02 -3.56
N ASP B 46 6.10 -7.99 -4.22
CA ASP B 46 4.89 -8.60 -3.69
C ASP B 46 4.92 -10.07 -4.05
N LEU B 47 4.74 -10.94 -3.07
CA LEU B 47 4.45 -12.35 -3.32
C LEU B 47 2.97 -12.48 -3.63
N GLY B 48 2.54 -13.71 -3.94
CA GLY B 48 1.13 -13.98 -4.27
C GLY B 48 0.16 -13.40 -3.25
N ALA B 49 -0.83 -12.65 -3.74
CA ALA B 49 -1.89 -12.08 -2.90
C ALA B 49 -1.36 -11.23 -1.73
N SER B 50 -0.25 -10.54 -1.99
CA SER B 50 0.34 -9.60 -1.06
C SER B 50 0.45 -8.26 -1.78
N GLY B 51 0.33 -7.17 -1.03
CA GLY B 51 0.35 -5.82 -1.60
C GLY B 51 -0.60 -5.69 -2.77
N ILE B 52 -0.06 -5.28 -3.93
CA ILE B 52 -0.89 -5.04 -5.11
C ILE B 52 -0.83 -6.18 -6.17
N ASN B 53 -0.40 -7.35 -5.73
CA ASN B 53 -0.49 -8.58 -6.51
C ASN B 53 -1.97 -8.93 -6.81
N PRO B 54 -2.25 -9.29 -8.09
CA PRO B 54 -3.60 -9.56 -8.61
C PRO B 54 -4.35 -10.72 -7.93
N LYS B 55 -3.63 -11.78 -7.58
CA LYS B 55 -4.24 -12.97 -6.98
C LYS B 55 -4.88 -12.65 -5.61
N GLN B 56 -6.04 -13.25 -5.34
CA GLN B 56 -6.64 -13.21 -4.00
C GLN B 56 -6.21 -14.48 -3.29
N ALA B 57 -6.09 -14.42 -1.95
CA ALA B 57 -5.48 -15.53 -1.20
C ALA B 57 -6.11 -16.90 -1.49
N LEU B 58 -7.44 -16.93 -1.55
CA LEU B 58 -8.21 -18.14 -1.85
C LEU B 58 -7.93 -18.71 -3.24
N GLN B 59 -7.39 -17.89 -4.14
CA GLN B 59 -7.08 -18.34 -5.51
C GLN B 59 -5.70 -19.01 -5.61
N ILE B 60 -4.96 -19.04 -4.50
CA ILE B 60 -3.59 -19.62 -4.49
C ILE B 60 -3.31 -20.57 -3.30
N PRO B 61 -4.07 -21.68 -3.17
CA PRO B 61 -3.86 -22.60 -2.05
C PRO B 61 -2.51 -23.36 -2.09
N ASN B 62 -1.81 -23.31 -3.22
CA ASN B 62 -0.50 -23.95 -3.32
C ASN B 62 0.61 -22.95 -3.01
N PHE B 63 1.62 -23.41 -2.29
CA PHE B 63 2.73 -22.57 -1.89
C PHE B 63 3.52 -22.04 -3.11
N SER B 64 3.71 -22.88 -4.13
CA SER B 64 4.48 -22.48 -5.31
C SER B 64 3.90 -21.24 -5.99
N ASP B 65 2.62 -20.98 -5.73
CA ASP B 65 1.94 -19.80 -6.25
C ASP B 65 2.17 -18.54 -5.41
N TYR B 66 2.31 -18.74 -4.09
CA TYR B 66 2.72 -17.67 -3.19
C TYR B 66 4.13 -17.23 -3.52
N LEU B 67 4.98 -18.20 -3.84
CA LEU B 67 6.39 -17.97 -4.11
C LEU B 67 6.70 -17.48 -5.52
N SER B 68 5.81 -17.73 -6.48
CA SER B 68 6.13 -17.55 -7.90
C SER B 68 6.65 -16.16 -8.34
N PRO B 69 6.10 -15.06 -7.78
CA PRO B 69 6.66 -13.76 -8.17
C PRO B 69 8.15 -13.64 -7.89
N LEU B 70 8.63 -14.25 -6.81
CA LEU B 70 10.06 -14.27 -6.52
C LEU B 70 10.80 -15.18 -7.51
N MET B 71 10.30 -16.40 -7.69
CA MET B 71 10.91 -17.38 -8.60
C MET B 71 11.00 -16.87 -10.03
N GLU B 72 9.97 -16.14 -10.47
CA GLU B 72 9.98 -15.54 -11.79
C GLU B 72 11.02 -14.44 -11.89
N PHE B 73 11.08 -13.59 -10.87
CA PHE B 73 12.06 -12.50 -10.83
C PHE B 73 13.48 -13.05 -10.92
N MET B 74 13.73 -14.09 -10.14
CA MET B 74 15.04 -14.73 -10.06
C MET B 74 15.50 -15.29 -11.40
N ALA B 75 14.58 -15.94 -12.11
CA ALA B 75 14.83 -16.56 -13.41
C ALA B 75 15.15 -15.55 -14.52
N SER B 76 14.43 -14.42 -14.51
CA SER B 76 14.59 -13.38 -15.54
C SER B 76 15.81 -12.51 -15.32
N LEU B 77 16.41 -12.59 -14.13
CA LEU B 77 17.65 -11.89 -13.84
C LEU B 77 18.70 -12.24 -14.89
N PRO B 78 19.28 -11.22 -15.54
CA PRO B 78 20.33 -11.37 -16.55
C PRO B 78 21.43 -12.36 -16.14
N ALA B 79 22.17 -12.84 -17.14
CA ALA B 79 23.08 -13.98 -16.99
C ALA B 79 24.02 -13.94 -15.79
N ASN B 80 24.82 -12.88 -15.68
CA ASN B 80 25.94 -12.85 -14.75
C ASN B 80 25.74 -11.99 -13.50
N GLU B 81 24.52 -11.49 -13.32
CA GLU B 81 24.22 -10.64 -12.16
C GLU B 81 23.87 -11.46 -10.92
N LYS B 82 24.54 -11.17 -9.82
CA LYS B 82 24.20 -11.75 -8.52
C LYS B 82 23.44 -10.71 -7.69
N ILE B 83 22.72 -11.18 -6.66
CA ILE B 83 21.93 -10.28 -5.82
C ILE B 83 22.16 -10.52 -4.32
N ILE B 84 21.87 -9.50 -3.52
CA ILE B 84 21.73 -9.67 -2.08
C ILE B 84 20.25 -9.87 -1.82
N LEU B 85 19.89 -11.02 -1.26
CA LEU B 85 18.50 -11.40 -1.07
C LEU B 85 18.09 -11.34 0.41
N VAL B 86 17.11 -10.50 0.72
CA VAL B 86 16.67 -10.27 2.10
C VAL B 86 15.27 -10.81 2.34
N GLY B 87 15.16 -11.76 3.27
CA GLY B 87 13.87 -12.35 3.61
C GLY B 87 13.46 -11.91 4.99
N HIS B 88 12.29 -11.30 5.10
CA HIS B 88 11.76 -10.95 6.40
C HIS B 88 10.79 -12.00 6.93
N ALA B 89 11.12 -12.59 8.07
CA ALA B 89 10.23 -13.51 8.83
C ALA B 89 9.67 -14.65 7.99
N LEU B 90 8.39 -14.61 7.62
CA LEU B 90 7.86 -15.65 6.70
C LEU B 90 8.62 -15.68 5.38
N GLY B 91 9.06 -14.50 4.91
CA GLY B 91 9.87 -14.36 3.70
C GLY B 91 11.17 -15.15 3.72
N GLY B 92 11.47 -15.75 4.87
CA GLY B 92 12.63 -16.64 5.00
C GLY B 92 12.47 -17.92 4.20
N LEU B 93 11.25 -18.40 4.07
CA LEU B 93 10.98 -19.63 3.31
C LEU B 93 11.17 -19.39 1.83
N ALA B 94 10.62 -18.28 1.35
CA ALA B 94 10.72 -17.89 -0.06
C ALA B 94 12.17 -17.74 -0.51
N ILE B 95 12.98 -16.99 0.26
CA ILE B 95 14.37 -16.81 -0.10
C ILE B 95 15.16 -18.13 0.01
N SER B 96 14.76 -18.97 0.96
CA SER B 96 15.33 -20.31 1.10
C SER B 96 15.11 -21.13 -0.16
N LYS B 97 13.87 -21.14 -0.65
CA LYS B 97 13.53 -21.83 -1.90
C LYS B 97 14.33 -21.27 -3.07
N ALA B 98 14.40 -19.94 -3.15
CA ALA B 98 15.17 -19.24 -4.18
C ALA B 98 16.68 -19.55 -4.10
N MET B 99 17.17 -19.80 -2.89
CA MET B 99 18.58 -20.15 -2.67
C MET B 99 18.88 -21.55 -3.22
N GLU B 100 17.92 -22.45 -3.08
CA GLU B 100 18.06 -23.80 -3.63
C GLU B 100 18.00 -23.82 -5.15
N THR B 101 17.01 -23.15 -5.73
CA THR B 101 16.84 -23.15 -7.18
C THR B 101 17.93 -22.37 -7.91
N PHE B 102 18.28 -21.19 -7.39
CA PHE B 102 19.25 -20.32 -8.06
C PHE B 102 20.43 -19.90 -7.15
N PRO B 103 21.17 -20.88 -6.57
CA PRO B 103 22.25 -20.52 -5.65
C PRO B 103 23.32 -19.60 -6.30
N GLU B 104 23.62 -19.85 -7.57
CA GLU B 104 24.62 -19.07 -8.31
C GLU B 104 24.30 -17.57 -8.43
N LYS B 105 23.02 -17.24 -8.29
CA LYS B 105 22.54 -15.86 -8.53
C LYS B 105 22.50 -14.99 -7.28
N ILE B 106 22.87 -15.55 -6.13
CA ILE B 106 22.77 -14.86 -4.86
C ILE B 106 24.13 -14.83 -4.16
N SER B 107 24.74 -13.64 -4.13
CA SER B 107 26.00 -13.45 -3.42
C SER B 107 25.86 -13.74 -1.92
N VAL B 108 24.81 -13.18 -1.31
CA VAL B 108 24.55 -13.40 0.10
C VAL B 108 23.05 -13.31 0.40
N ALA B 109 22.56 -14.28 1.14
CA ALA B 109 21.19 -14.28 1.60
C ALA B 109 21.15 -13.73 3.02
N VAL B 110 20.19 -12.85 3.29
CA VAL B 110 20.06 -12.22 4.59
C VAL B 110 18.69 -12.53 5.17
N PHE B 111 18.68 -13.12 6.36
CA PHE B 111 17.47 -13.53 7.03
C PHE B 111 17.16 -12.58 8.18
N LEU B 112 16.28 -11.62 7.93
CA LEU B 112 15.92 -10.64 8.95
C LEU B 112 14.79 -11.21 9.80
N SER B 113 15.15 -11.73 10.97
CA SER B 113 14.21 -12.48 11.85
C SER B 113 13.42 -13.53 11.07
N GLY B 114 14.07 -14.09 10.06
CA GLY B 114 13.39 -14.94 9.10
C GLY B 114 13.32 -16.38 9.52
N LEU B 115 12.32 -17.08 9.00
CA LEU B 115 12.21 -18.52 9.15
C LEU B 115 13.35 -19.13 8.36
N MET B 116 14.26 -19.78 9.06
CA MET B 116 15.49 -20.27 8.46
C MET B 116 15.67 -21.77 8.71
N PRO B 117 14.84 -22.60 8.05
CA PRO B 117 15.10 -24.03 8.14
C PRO B 117 16.35 -24.38 7.33
N GLY B 118 16.93 -25.55 7.60
CA GLY B 118 18.07 -26.06 6.85
C GLY B 118 17.74 -27.38 6.16
N PRO B 119 18.76 -28.03 5.54
CA PRO B 119 18.60 -29.39 5.02
C PRO B 119 18.19 -30.40 6.11
N ASN B 120 18.29 -29.96 7.36
CA ASN B 120 18.20 -30.83 8.54
C ASN B 120 16.99 -30.54 9.45
N ILE B 121 16.77 -29.28 9.80
CA ILE B 121 15.52 -28.86 10.47
C ILE B 121 14.46 -28.55 9.41
N ASP B 122 13.48 -29.45 9.26
CA ASP B 122 12.46 -29.37 8.21
C ASP B 122 11.56 -28.14 8.32
N ALA B 123 11.13 -27.64 7.16
CA ALA B 123 10.23 -26.49 7.08
C ALA B 123 8.89 -26.79 7.77
N THR B 124 8.66 -28.06 8.07
CA THR B 124 7.49 -28.54 8.81
C THR B 124 7.49 -28.00 10.23
N THR B 125 8.58 -28.23 10.96
CA THR B 125 8.74 -27.82 12.36
C THR B 125 8.65 -26.31 12.52
N VAL B 126 9.33 -25.59 11.61
CA VAL B 126 9.48 -24.14 11.67
C VAL B 126 8.15 -23.40 11.52
N CYS B 127 7.30 -23.88 10.62
CA CYS B 127 5.99 -23.29 10.38
C CYS B 127 5.01 -23.52 11.52
N THR B 128 5.05 -24.71 12.10
CA THR B 128 4.21 -25.04 13.23
C THR B 128 4.50 -24.10 14.40
N LYS B 129 5.78 -23.81 14.64
CA LYS B 129 6.19 -22.85 15.67
C LYS B 129 5.77 -21.43 15.33
N ALA B 130 6.04 -21.01 14.08
CA ALA B 130 5.66 -19.68 13.60
C ALA B 130 4.14 -19.46 13.66
N GLY B 131 3.38 -20.51 13.40
CA GLY B 131 1.93 -20.46 13.47
C GLY B 131 1.38 -20.20 14.85
N SER B 132 1.95 -20.86 15.86
CA SER B 132 1.45 -20.81 17.23
C SER B 132 1.44 -19.40 17.84
N ALA B 133 2.45 -18.61 17.48
CA ALA B 133 2.56 -17.23 17.96
C ALA B 133 1.72 -16.24 17.16
N VAL B 134 1.16 -16.69 16.03
CA VAL B 134 0.30 -15.83 15.21
C VAL B 134 -1.17 -16.24 15.32
N LEU B 135 -1.45 -17.51 15.05
CA LEU B 135 -2.80 -18.06 15.15
C LEU B 135 -3.36 -17.91 16.56
N GLY B 136 -4.61 -17.46 16.65
CA GLY B 136 -5.28 -17.30 17.93
C GLY B 136 -4.72 -16.19 18.81
N GLN B 137 -3.77 -15.43 18.29
CA GLN B 137 -3.23 -14.29 19.02
C GLN B 137 -4.14 -13.06 18.94
N LEU B 138 -4.61 -12.63 20.11
CA LEU B 138 -5.43 -11.44 20.26
C LEU B 138 -6.60 -11.41 19.29
N ASP B 139 -6.64 -10.41 18.40
CA ASP B 139 -7.77 -10.26 17.49
C ASP B 139 -7.55 -10.87 16.09
N ASN B 140 -6.58 -11.75 15.97
CA ASN B 140 -6.44 -12.58 14.76
C ASN B 140 -7.58 -13.59 14.65
N CYS B 141 -8.17 -13.67 13.47
CA CYS B 141 -9.28 -14.58 13.24
C CYS B 141 -9.05 -15.39 11.97
N VAL B 142 -9.52 -16.63 11.98
CA VAL B 142 -9.45 -17.49 10.82
C VAL B 142 -10.81 -17.54 10.11
N THR B 143 -10.83 -18.16 8.93
CA THR B 143 -12.01 -18.25 8.08
C THR B 143 -12.16 -19.67 7.54
N TYR B 144 -13.40 -20.09 7.32
CA TYR B 144 -13.68 -21.46 6.91
C TYR B 144 -14.44 -21.49 5.59
N GLU B 145 -13.69 -21.16 4.53
CA GLU B 145 -14.26 -21.03 3.20
C GLU B 145 -14.55 -22.39 2.56
N ASN B 146 -13.82 -23.41 2.99
CA ASN B 146 -14.06 -24.78 2.56
C ASN B 146 -14.82 -25.64 3.60
N GLY B 147 -15.52 -24.97 4.52
CA GLY B 147 -16.39 -25.65 5.49
C GLY B 147 -15.70 -26.15 6.76
N PRO B 148 -16.51 -26.58 7.75
CA PRO B 148 -15.99 -27.03 9.04
C PRO B 148 -15.24 -28.37 8.99
N THR B 149 -15.49 -29.17 7.96
CA THR B 149 -14.83 -30.47 7.76
C THR B 149 -13.32 -30.31 7.54
N ASN B 150 -12.95 -29.20 6.90
CA ASN B 150 -11.56 -28.98 6.49
C ASN B 150 -10.86 -27.94 7.36
N PRO B 151 -9.51 -27.88 7.30
CA PRO B 151 -8.74 -26.86 8.01
C PRO B 151 -9.19 -25.43 7.66
N PRO B 152 -8.97 -24.46 8.56
CA PRO B 152 -9.26 -23.05 8.24
C PRO B 152 -8.45 -22.61 7.00
N THR B 153 -9.05 -21.78 6.15
CA THR B 153 -8.48 -21.47 4.83
C THR B 153 -7.49 -20.30 4.85
N THR B 154 -7.91 -19.17 5.42
CA THR B 154 -7.03 -18.01 5.54
C THR B 154 -6.85 -17.53 6.98
N LEU B 155 -5.73 -16.86 7.23
CA LEU B 155 -5.46 -16.18 8.49
C LEU B 155 -5.52 -14.67 8.28
N ILE B 156 -6.26 -13.98 9.15
CA ILE B 156 -6.40 -12.53 9.06
C ILE B 156 -5.85 -11.81 10.30
N ALA B 157 -4.86 -10.94 10.09
CA ALA B 157 -4.23 -10.18 11.16
C ALA B 157 -5.15 -9.06 11.65
N GLY B 158 -5.39 -9.02 12.96
CA GLY B 158 -6.24 -8.00 13.56
C GLY B 158 -5.46 -6.76 13.91
N PRO B 159 -6.11 -5.57 13.88
CA PRO B 159 -5.45 -4.29 14.15
C PRO B 159 -4.78 -4.21 15.53
N LYS B 160 -5.35 -4.91 16.51
CA LYS B 160 -4.80 -4.95 17.87
C LYS B 160 -3.52 -5.80 17.91
N PHE B 161 -3.56 -6.95 17.24
CA PHE B 161 -2.39 -7.81 17.08
C PHE B 161 -1.23 -7.04 16.44
N LEU B 162 -1.57 -6.23 15.44
CA LEU B 162 -0.61 -5.35 14.78
C LEU B 162 -0.04 -4.32 15.74
N ALA B 163 -0.92 -3.62 16.45
CA ALA B 163 -0.52 -2.61 17.43
C ALA B 163 0.34 -3.14 18.57
N THR B 164 0.06 -4.34 19.05
CA THR B 164 0.74 -4.89 20.23
C THR B 164 1.98 -5.72 19.95
N ASN B 165 1.93 -6.63 18.98
CA ASN B 165 3.00 -7.61 18.74
C ASN B 165 3.90 -7.36 17.53
N VAL B 166 3.46 -6.47 16.64
CA VAL B 166 4.22 -6.27 15.41
C VAL B 166 4.78 -4.85 15.30
N TYR B 167 3.90 -3.87 15.47
CA TYR B 167 4.26 -2.46 15.28
C TYR B 167 4.56 -1.69 16.56
N HIS B 168 4.68 -2.41 17.67
CA HIS B 168 4.68 -1.78 18.99
C HIS B 168 5.77 -0.72 19.25
N LEU B 169 6.83 -0.73 18.46
CA LEU B 169 7.92 0.26 18.58
C LEU B 169 8.09 1.14 17.34
N SER B 170 7.06 1.17 16.49
CA SER B 170 7.16 1.88 15.21
C SER B 170 6.41 3.20 15.28
N PRO B 171 6.76 4.18 14.43
CA PRO B 171 5.97 5.40 14.43
C PRO B 171 4.49 5.07 14.18
N ILE B 172 3.59 5.81 14.84
CA ILE B 172 2.15 5.55 14.74
C ILE B 172 1.60 5.53 13.30
N GLU B 173 2.14 6.39 12.44
CA GLU B 173 1.67 6.47 11.05
C GLU B 173 1.91 5.17 10.25
N ASP B 174 2.94 4.43 10.65
CA ASP B 174 3.26 3.12 10.08
C ASP B 174 2.26 2.04 10.47
N LEU B 175 1.73 2.13 11.69
CA LEU B 175 0.62 1.26 12.08
C LEU B 175 -0.58 1.53 11.17
N ALA B 176 -0.94 2.81 11.04
CA ALA B 176 -2.04 3.24 10.16
C ALA B 176 -1.84 2.73 8.72
N LEU B 177 -0.63 2.89 8.19
CA LEU B 177 -0.30 2.40 6.85
C LEU B 177 -0.64 0.91 6.72
N ALA B 178 -0.23 0.15 7.73
CA ALA B 178 -0.43 -1.29 7.78
C ALA B 178 -1.90 -1.70 7.91
N THR B 179 -2.64 -1.07 8.83
CA THR B 179 -4.08 -1.40 8.94
C THR B 179 -4.78 -1.23 7.59
N ALA B 180 -4.33 -0.27 6.81
CA ALA B 180 -4.89 -0.05 5.47
C ALA B 180 -4.38 -0.98 4.36
N LEU B 181 -3.32 -1.76 4.63
CA LEU B 181 -2.68 -2.57 3.54
C LEU B 181 -2.50 -4.08 3.78
N VAL B 182 -2.51 -4.50 5.04
CA VAL B 182 -2.38 -5.94 5.35
C VAL B 182 -3.46 -6.76 4.64
N ARG B 183 -3.06 -7.94 4.17
CA ARG B 183 -3.99 -8.79 3.43
C ARG B 183 -4.06 -10.15 4.10
N PRO B 184 -5.16 -10.91 3.88
CA PRO B 184 -5.20 -12.23 4.50
C PRO B 184 -4.06 -13.09 3.95
N LEU B 185 -3.70 -14.15 4.67
CA LEU B 185 -2.72 -15.10 4.20
C LEU B 185 -3.38 -16.48 4.19
N TYR B 186 -3.23 -17.21 3.09
CA TYR B 186 -3.77 -18.56 3.01
C TYR B 186 -2.97 -19.46 3.95
N LEU B 187 -3.68 -20.21 4.77
CA LEU B 187 -3.06 -21.15 5.70
C LEU B 187 -2.58 -22.38 4.95
N TYR B 188 -1.37 -22.28 4.39
CA TYR B 188 -0.80 -23.40 3.64
C TYR B 188 -0.59 -24.59 4.55
N LEU B 189 -0.81 -25.78 4.00
CA LEU B 189 -0.63 -27.02 4.73
C LEU B 189 0.86 -27.30 4.84
N ALA B 190 1.30 -27.80 5.99
CA ALA B 190 2.71 -28.10 6.22
C ALA B 190 3.26 -29.22 5.32
N GLU B 191 2.34 -29.92 4.65
CA GLU B 191 2.69 -31.00 3.71
C GLU B 191 3.06 -30.37 2.36
N ASP B 192 2.41 -29.25 2.06
CA ASP B 192 2.64 -28.46 0.85
C ASP B 192 4.00 -27.78 0.96
N ILE B 193 4.23 -27.09 2.07
CA ILE B 193 5.46 -26.35 2.31
C ILE B 193 6.66 -27.30 2.40
N SER B 194 6.47 -28.40 3.14
CA SER B 194 7.45 -29.46 3.25
C SER B 194 8.00 -29.87 1.89
N LYS B 195 7.11 -30.02 0.91
CA LYS B 195 7.48 -30.49 -0.44
C LYS B 195 7.92 -29.38 -1.40
N GLU B 196 7.57 -28.13 -1.08
CA GLU B 196 7.99 -27.00 -1.89
C GLU B 196 9.37 -26.51 -1.47
N VAL B 197 9.62 -26.50 -0.16
CA VAL B 197 10.89 -26.07 0.41
C VAL B 197 11.83 -27.27 0.65
N VAL B 198 12.40 -27.80 -0.43
CA VAL B 198 13.35 -28.91 -0.33
C VAL B 198 14.77 -28.36 -0.34
N LEU B 199 15.43 -28.44 0.81
CA LEU B 199 16.74 -27.81 1.01
C LEU B 199 17.87 -28.82 1.15
N SER B 200 18.98 -28.55 0.46
CA SER B 200 20.15 -29.42 0.45
C SER B 200 21.45 -28.64 0.73
N SER B 201 22.45 -29.35 1.25
CA SER B 201 23.73 -28.74 1.59
C SER B 201 24.60 -28.40 0.39
N LYS B 202 24.32 -29.03 -0.75
CA LYS B 202 25.03 -28.71 -1.99
C LYS B 202 24.63 -27.32 -2.49
N ARG B 203 23.33 -27.12 -2.70
CA ARG B 203 22.82 -25.87 -3.28
C ARG B 203 22.57 -24.80 -2.20
N TYR B 204 21.46 -24.90 -1.49
CA TYR B 204 21.14 -23.98 -0.38
C TYR B 204 22.34 -23.75 0.54
N GLY B 205 23.03 -24.84 0.88
CA GLY B 205 24.23 -24.80 1.72
C GLY B 205 25.39 -23.99 1.16
N SER B 206 25.48 -23.88 -0.16
CA SER B 206 26.59 -23.17 -0.81
C SER B 206 26.47 -21.64 -0.73
N VAL B 207 25.25 -21.15 -0.51
CA VAL B 207 25.00 -19.70 -0.41
C VAL B 207 25.35 -19.18 0.99
N LYS B 208 26.05 -18.06 1.05
CA LYS B 208 26.34 -17.35 2.28
C LYS B 208 25.06 -16.85 2.95
N ARG B 209 25.04 -16.93 4.28
CA ARG B 209 23.87 -16.57 5.05
C ARG B 209 24.23 -15.69 6.22
N VAL B 210 23.48 -14.62 6.40
CA VAL B 210 23.57 -13.81 7.61
C VAL B 210 22.20 -13.73 8.22
N PHE B 211 22.14 -13.92 9.53
CA PHE B 211 20.91 -13.77 10.26
C PHE B 211 20.94 -12.47 11.07
N ILE B 212 19.86 -11.70 11.00
CA ILE B 212 19.72 -10.49 11.82
C ILE B 212 18.67 -10.68 12.92
N VAL B 213 19.12 -10.69 14.16
CA VAL B 213 18.20 -10.79 15.29
C VAL B 213 17.59 -9.42 15.57
N ALA B 214 16.27 -9.39 15.76
CA ALA B 214 15.55 -8.21 16.23
C ALA B 214 15.21 -8.39 17.71
N THR B 215 16.00 -7.74 18.57
CA THR B 215 15.98 -7.98 20.03
C THR B 215 14.57 -8.05 20.63
N GLU B 216 13.78 -7.00 20.42
CA GLU B 216 12.46 -6.89 21.04
C GLU B 216 11.33 -7.32 20.10
N ASN B 217 11.65 -8.24 19.18
CA ASN B 217 10.72 -8.69 18.12
C ASN B 217 9.27 -8.92 18.58
N LYS B 221 9.74 -14.35 18.90
CA LYS B 221 10.24 -14.98 20.12
C LYS B 221 11.77 -15.01 20.16
N LYS B 222 12.34 -14.54 21.28
CA LYS B 222 13.80 -14.44 21.45
C LYS B 222 14.48 -15.79 21.65
N GLU B 223 13.69 -16.83 21.93
CA GLU B 223 14.23 -18.17 22.17
C GLU B 223 14.10 -19.07 20.94
N PHE B 224 13.02 -18.88 20.18
CA PHE B 224 12.79 -19.62 18.94
C PHE B 224 13.78 -19.19 17.84
N LEU B 225 13.96 -17.88 17.68
CA LEU B 225 14.96 -17.31 16.77
C LEU B 225 16.36 -17.76 17.15
N LYS B 226 16.60 -17.89 18.45
CA LYS B 226 17.87 -18.40 18.99
C LYS B 226 18.05 -19.86 18.59
N LEU B 227 16.96 -20.61 18.65
CA LEU B 227 16.98 -22.06 18.39
C LEU B 227 17.32 -22.42 16.94
N MET B 228 16.82 -21.63 15.99
CA MET B 228 17.05 -21.88 14.56
C MET B 228 18.52 -21.76 14.18
N ILE B 229 19.25 -20.92 14.88
CA ILE B 229 20.68 -20.71 14.63
C ILE B 229 21.50 -21.95 15.02
N GLU B 230 21.09 -22.63 16.09
CA GLU B 230 21.75 -23.89 16.51
C GLU B 230 21.67 -24.99 15.45
N LYS B 231 20.45 -25.22 14.95
CA LYS B 231 20.19 -26.30 14.00
C LYS B 231 20.62 -25.98 12.57
N ASN B 232 20.64 -24.68 12.23
CA ASN B 232 21.05 -24.24 10.90
C ASN B 232 21.97 -23.01 11.01
N PRO B 233 23.24 -23.21 11.39
CA PRO B 233 24.18 -22.11 11.62
C PRO B 233 24.43 -21.25 10.37
N PRO B 234 24.17 -19.93 10.47
CA PRO B 234 24.53 -18.99 9.41
C PRO B 234 26.02 -18.67 9.47
N ASP B 235 26.54 -18.08 8.40
CA ASP B 235 27.94 -17.65 8.35
C ASP B 235 28.21 -16.47 9.30
N GLU B 236 27.15 -15.95 9.91
CA GLU B 236 27.23 -14.86 10.90
C GLU B 236 25.86 -14.54 11.49
N VAL B 237 25.88 -14.07 12.73
CA VAL B 237 24.70 -13.51 13.36
C VAL B 237 24.95 -12.02 13.59
N LYS B 238 23.91 -11.21 13.44
CA LYS B 238 23.97 -9.77 13.71
C LYS B 238 22.74 -9.33 14.50
N GLU B 239 22.86 -8.22 15.22
CA GLU B 239 21.76 -7.72 16.04
C GLU B 239 21.41 -6.27 15.76
N ILE B 240 20.12 -5.98 15.77
CA ILE B 240 19.61 -4.63 15.79
C ILE B 240 18.76 -4.47 17.05
N GLU B 241 19.20 -3.58 17.92
CA GLU B 241 18.53 -3.35 19.20
C GLU B 241 17.28 -2.50 19.03
N GLY B 242 16.30 -2.75 19.90
CA GLY B 242 15.09 -1.94 19.98
C GLY B 242 14.12 -2.09 18.83
N SER B 243 14.34 -3.10 17.98
CA SER B 243 13.46 -3.38 16.84
C SER B 243 12.26 -4.16 17.29
N ASP B 244 11.09 -3.82 16.74
CA ASP B 244 9.90 -4.65 16.93
C ASP B 244 9.86 -5.69 15.82
N ALA B 245 8.68 -6.17 15.48
CA ALA B 245 8.59 -7.23 14.47
C ALA B 245 8.75 -6.70 13.04
N VAL B 246 8.57 -5.39 12.85
CA VAL B 246 8.84 -4.76 11.56
C VAL B 246 10.05 -3.81 11.60
N THR B 247 11.25 -4.40 11.65
CA THR B 247 12.52 -3.68 11.77
C THR B 247 12.67 -2.55 10.74
N MET B 248 12.19 -2.82 9.54
CA MET B 248 12.21 -1.86 8.44
C MET B 248 11.33 -0.64 8.73
N MET B 249 10.39 -0.78 9.67
CA MET B 249 9.59 0.35 10.14
C MET B 249 10.19 1.03 11.37
N SER B 250 10.66 0.24 12.33
CA SER B 250 11.08 0.81 13.62
C SER B 250 12.54 1.20 13.66
N LYS B 251 13.40 0.41 12.99
CA LYS B 251 14.82 0.72 12.92
C LYS B 251 15.34 0.75 11.47
N PRO B 252 14.78 1.65 10.63
CA PRO B 252 15.13 1.63 9.20
C PRO B 252 16.60 1.95 8.89
N GLN B 253 17.17 2.95 9.56
CA GLN B 253 18.52 3.41 9.28
C GLN B 253 19.55 2.38 9.71
N GLN B 254 19.31 1.80 10.89
CA GLN B 254 20.14 0.74 11.42
C GLN B 254 20.07 -0.47 10.49
N LEU B 255 18.89 -0.76 9.97
CA LEU B 255 18.74 -1.83 8.99
C LEU B 255 19.53 -1.52 7.71
N PHE B 256 19.30 -0.32 7.17
CA PHE B 256 19.97 0.14 5.97
C PHE B 256 21.50 0.03 6.08
N THR B 257 22.10 0.56 7.13
CA THR B 257 23.56 0.52 7.28
C THR B 257 24.06 -0.90 7.51
N THR B 258 23.33 -1.67 8.31
CA THR B 258 23.63 -3.10 8.52
C THR B 258 23.68 -3.84 7.20
N LEU B 259 22.69 -3.57 6.34
CA LEU B 259 22.61 -4.19 5.02
C LEU B 259 23.79 -3.81 4.14
N LEU B 260 24.19 -2.55 4.18
CA LEU B 260 25.40 -2.11 3.49
C LEU B 260 26.60 -2.90 4.01
N SER B 261 26.86 -2.76 5.31
CA SER B 261 27.91 -3.52 5.98
C SER B 261 27.92 -4.99 5.53
N ILE B 262 26.75 -5.64 5.57
CA ILE B 262 26.62 -7.05 5.19
C ILE B 262 27.04 -7.26 3.74
N ALA B 263 26.51 -6.40 2.86
CA ALA B 263 26.85 -6.44 1.46
C ALA B 263 28.37 -6.59 1.26
N ASN B 264 29.14 -5.79 1.98
CA ASN B 264 30.61 -5.73 1.85
C ASN B 264 31.38 -6.95 2.34
N LYS B 265 31.13 -7.37 3.58
CA LYS B 265 31.84 -8.51 4.17
C LYS B 265 31.69 -9.80 3.33
N TYR B 266 30.58 -9.90 2.61
CA TYR B 266 30.31 -11.05 1.76
C TYR B 266 30.19 -10.63 0.31
N LYS B 267 31.13 -9.80 -0.13
CA LYS B 267 31.22 -9.36 -1.52
C LYS B 267 31.39 -10.58 -2.44
O3 BKA C . -6.83 14.33 -10.97
C3 BKA C . -6.24 13.68 -11.82
C2 BKA C . -4.79 13.28 -11.63
C1 BKA C . -4.36 12.93 -10.22
O1 BKA C . -5.11 13.16 -9.25
O2 BKA C . -3.23 12.39 -10.09
C4 BKA C . -6.98 13.29 -13.09
C5 BKA C . -7.11 11.77 -13.30
C6 BKA C . -7.22 11.43 -14.79
C7 BKA C . -8.65 11.17 -15.23
O3 BKA D . 5.76 -14.98 11.70
C3 BKA D . 5.00 -15.04 10.74
C2 BKA D . 4.29 -13.81 10.23
C1 BKA D . 4.66 -12.54 10.97
O1 BKA D . 5.70 -11.93 10.63
O2 BKA D . 3.90 -12.15 11.89
C4 BKA D . 4.78 -16.38 10.05
C5 BKA D . 3.56 -17.13 10.58
C6 BKA D . 2.73 -17.75 9.46
C7 BKA D . 2.16 -19.10 9.84
#